data_5MGW
#
_entry.id   5MGW
#
_cell.length_a   53.355
_cell.length_b   90.117
_cell.length_c   99.081
_cell.angle_alpha   90.000
_cell.angle_beta   90.000
_cell.angle_gamma   90.000
#
_symmetry.space_group_name_H-M   'P 21 21 21'
#
loop_
_entity.id
_entity.type
_entity.pdbx_description
1 polymer 'Phenylalanine--tRNA ligase, mitochondrial'
2 non-polymer PHENYLALANINE
3 water water
#
_entity_poly.entity_id   1
_entity_poly.type   'polypeptide(L)'
_entity_poly.pdbx_seq_one_letter_code
;APGSVVELLGKSYPQDDHSNLTRKVLTRVGRNLHNQQHHPLWLIKERVKEHFYKQYVGRFGTPLFSVYDNLSPVVTTWQN
FDSLLIPADHPSRKKGDNYYLNRTHMLRAHTSAHQWDLLHAGLDAFLVVGDVYRRDQIDSQHYPIFHQLEAVRLFSKHEL
FAGIKDGESLQLFEQSSRSAHKQETHTMEAVKLVEFDLKQTLTRLMAHLFGDELEIRWVDCYFPFTHPSFEMEINFHGEW
LEVLGCGVMEQQLVNSAGAQDRIGWAFGLGLERLAMILYDIPDIRLFWCEDERFLKQFCVSNINQKVKFQPLSKYPAVIN
DISFWLPSENYAENDFYDLVRTIGGDLVEKVDLIDKFVHPKTHKTSHCYRITYCHMERTLSQREVRHIHQALQEAAVQLL
GVEGRF
;
_entity_poly.pdbx_strand_id   A
#
# COMPACT_ATOMS: atom_id res chain seq x y z
N ALA A 1 27.98 -16.58 8.94
CA ALA A 1 27.25 -17.67 8.32
C ALA A 1 26.09 -17.15 7.48
N PRO A 2 25.83 -17.81 6.36
CA PRO A 2 24.70 -17.39 5.50
C PRO A 2 23.41 -17.36 6.30
N GLY A 3 22.63 -16.30 6.08
CA GLY A 3 21.35 -16.15 6.73
C GLY A 3 21.39 -15.54 8.11
N SER A 4 22.57 -15.19 8.63
CA SER A 4 22.64 -14.68 9.99
C SER A 4 22.39 -13.17 10.07
N VAL A 5 22.70 -12.43 9.01
CA VAL A 5 22.51 -10.97 8.98
C VAL A 5 22.01 -10.56 7.60
N VAL A 6 21.23 -9.49 7.57
CA VAL A 6 20.91 -8.77 6.35
C VAL A 6 21.48 -7.36 6.49
N GLU A 7 22.17 -6.91 5.46
CA GLU A 7 22.72 -5.56 5.41
C GLU A 7 21.98 -4.76 4.35
N LEU A 8 21.63 -3.52 4.70
CA LEU A 8 20.87 -2.68 3.78
C LEU A 8 21.21 -1.24 4.10
N LEU A 9 21.71 -0.52 3.09
CA LEU A 9 22.00 0.91 3.21
C LEU A 9 22.98 1.18 4.36
N GLY A 10 23.94 0.29 4.54
CA GLY A 10 24.96 0.48 5.54
C GLY A 10 24.60 0.03 6.95
N LYS A 11 23.38 -0.44 7.17
CA LYS A 11 22.96 -0.92 8.48
C LYS A 11 22.85 -2.44 8.47
N SER A 12 23.08 -3.05 9.62
CA SER A 12 23.08 -4.50 9.75
C SER A 12 21.92 -4.95 10.64
N TYR A 13 21.19 -5.96 10.18
CA TYR A 13 20.01 -6.47 10.88
C TYR A 13 20.20 -7.93 11.22
N PRO A 14 20.42 -8.28 12.48
CA PRO A 14 20.54 -9.70 12.85
C PRO A 14 19.25 -10.43 12.56
N GLN A 15 19.36 -11.63 12.01
CA GLN A 15 18.18 -12.38 11.62
C GLN A 15 17.69 -13.24 12.78
N ASP A 16 16.38 -13.41 12.86
CA ASP A 16 15.75 -14.14 13.94
C ASP A 16 14.55 -14.91 13.41
N ASP A 17 13.63 -15.27 14.31
CA ASP A 17 12.46 -16.07 13.99
C ASP A 17 11.42 -15.29 13.21
N HIS A 18 11.51 -13.96 13.16
CA HIS A 18 10.60 -13.16 12.36
C HIS A 18 11.11 -12.94 10.94
N SER A 19 12.42 -12.91 10.77
CA SER A 19 13.04 -12.55 9.49
C SER A 19 12.47 -13.35 8.33
N ASN A 20 12.04 -12.62 7.28
CA ASN A 20 11.50 -13.29 6.11
C ASN A 20 11.71 -12.49 4.82
N LEU A 21 12.65 -11.56 4.79
CA LEU A 21 12.93 -10.85 3.55
C LEU A 21 13.56 -11.80 2.54
N THR A 22 13.16 -11.66 1.29
CA THR A 22 13.89 -12.33 0.23
C THR A 22 14.89 -11.35 -0.38
N ARG A 23 15.97 -11.90 -0.94
CA ARG A 23 16.92 -11.07 -1.67
C ARG A 23 16.21 -10.28 -2.76
N LYS A 24 15.27 -10.93 -3.45
CA LYS A 24 14.53 -10.31 -4.54
C LYS A 24 13.86 -9.01 -4.09
N VAL A 25 13.14 -9.07 -2.97
CA VAL A 25 12.44 -7.87 -2.51
C VAL A 25 13.44 -6.79 -2.12
N LEU A 26 14.55 -7.19 -1.48
CA LEU A 26 15.54 -6.20 -1.09
C LEU A 26 16.15 -5.47 -2.30
N THR A 27 16.27 -6.16 -3.45
CA THR A 27 16.80 -5.49 -4.65
C THR A 27 15.90 -4.40 -5.18
N ARG A 28 14.67 -4.30 -4.67
CA ARG A 28 13.76 -3.23 -5.06
C ARG A 28 13.89 -1.97 -4.21
N VAL A 29 14.50 -2.08 -3.03
CA VAL A 29 14.64 -0.92 -2.16
C VAL A 29 15.50 0.13 -2.85
N GLY A 30 15.07 1.39 -2.81
CA GLY A 30 15.81 2.47 -3.43
C GLY A 30 15.46 2.75 -4.87
N ARG A 31 14.67 1.90 -5.52
CA ARG A 31 14.27 2.15 -6.90
C ARG A 31 13.47 3.44 -7.01
N ASN A 32 12.55 3.67 -6.06
CA ASN A 32 11.80 4.92 -5.92
C ASN A 32 11.16 5.38 -7.24
N LEU A 33 10.27 4.53 -7.76
CA LEU A 33 9.54 4.89 -8.97
C LEU A 33 8.75 6.18 -8.80
N HIS A 34 8.30 6.46 -7.57
CA HIS A 34 7.51 7.65 -7.31
C HIS A 34 8.34 8.92 -7.40
N ASN A 35 9.68 8.79 -7.51
CA ASN A 35 10.56 9.92 -7.70
C ASN A 35 11.17 9.95 -9.10
N GLN A 36 10.75 9.05 -9.99
CA GLN A 36 11.33 8.97 -11.32
C GLN A 36 10.54 9.91 -12.23
N GLN A 37 11.19 10.96 -12.71
CA GLN A 37 10.51 11.92 -13.55
C GLN A 37 9.84 11.22 -14.72
N HIS A 38 8.60 11.61 -15.01
CA HIS A 38 7.75 11.11 -16.08
C HIS A 38 7.15 9.74 -15.80
N HIS A 39 7.52 9.07 -14.71
CA HIS A 39 6.89 7.79 -14.41
C HIS A 39 5.44 8.03 -13.98
N PRO A 40 4.51 7.14 -14.34
CA PRO A 40 3.10 7.38 -13.97
C PRO A 40 2.88 7.55 -12.48
N LEU A 41 3.63 6.85 -11.63
CA LEU A 41 3.44 7.04 -10.18
C LEU A 41 3.94 8.41 -9.75
N TRP A 42 5.03 8.88 -10.36
CA TRP A 42 5.51 10.23 -10.11
C TRP A 42 4.52 11.27 -10.59
N LEU A 43 3.87 10.99 -11.73
CA LEU A 43 2.86 11.89 -12.26
C LEU A 43 1.72 12.07 -11.27
N ILE A 44 1.22 10.98 -10.70
CA ILE A 44 0.14 11.10 -9.73
C ILE A 44 0.61 11.88 -8.51
N LYS A 45 1.80 11.55 -8.00
CA LYS A 45 2.34 12.30 -6.87
C LYS A 45 2.36 13.79 -7.15
N GLU A 46 2.86 14.18 -8.32
CA GLU A 46 2.97 15.59 -8.66
C GLU A 46 1.60 16.26 -8.76
N ARG A 47 0.62 15.55 -9.29
CA ARG A 47 -0.72 16.12 -9.42
C ARG A 47 -1.38 16.29 -8.06
N VAL A 48 -1.17 15.36 -7.14
CA VAL A 48 -1.66 15.54 -5.77
C VAL A 48 -0.98 16.71 -5.09
N LYS A 49 0.34 16.82 -5.21
CA LYS A 49 1.04 17.97 -4.65
C LYS A 49 0.47 19.28 -5.19
N GLU A 50 0.23 19.35 -6.50
CA GLU A 50 -0.32 20.55 -7.08
C GLU A 50 -1.71 20.86 -6.53
N HIS A 51 -2.52 19.81 -6.29
CA HIS A 51 -3.84 20.01 -5.70
C HIS A 51 -3.74 20.74 -4.37
N PHE A 52 -2.85 20.30 -3.49
CA PHE A 52 -2.76 20.94 -2.18
C PHE A 52 -2.07 22.29 -2.25
N TYR A 53 -1.18 22.49 -3.22
CA TYR A 53 -0.50 23.78 -3.31
C TYR A 53 -1.39 24.85 -3.91
N LYS A 54 -2.28 24.48 -4.83
CA LYS A 54 -3.05 25.46 -5.60
C LYS A 54 -4.56 25.41 -5.38
N GLN A 55 -5.12 24.30 -4.90
CA GLN A 55 -6.57 24.09 -4.95
C GLN A 55 -7.16 23.69 -3.61
N TYR A 56 -6.44 23.89 -2.52
CA TYR A 56 -6.95 23.59 -1.19
C TYR A 56 -7.00 24.91 -0.43
N VAL A 57 -8.17 25.24 0.12
CA VAL A 57 -8.37 26.51 0.81
C VAL A 57 -8.39 26.23 2.32
N GLY A 58 -7.67 27.06 3.06
CA GLY A 58 -7.76 27.05 4.51
C GLY A 58 -8.28 28.39 5.02
N ARG A 59 -9.12 28.33 6.05
CA ARG A 59 -9.72 29.54 6.59
C ARG A 59 -8.68 30.49 7.17
N PHE A 60 -7.59 29.95 7.72
CA PHE A 60 -6.48 30.74 8.23
C PHE A 60 -5.36 30.89 7.21
N GLY A 61 -5.64 30.60 5.95
CA GLY A 61 -4.61 30.39 4.96
C GLY A 61 -4.34 28.90 4.79
N THR A 62 -3.96 28.52 3.57
CA THR A 62 -3.72 27.12 3.29
C THR A 62 -2.50 26.63 4.06
N PRO A 63 -2.59 25.48 4.74
CA PRO A 63 -1.54 25.04 5.67
C PRO A 63 -0.14 24.88 5.11
N LEU A 64 0.04 24.61 3.82
CA LEU A 64 1.37 24.25 3.30
C LEU A 64 1.81 22.86 3.75
N PHE A 65 1.69 21.90 2.84
CA PHE A 65 1.98 20.51 3.12
C PHE A 65 3.44 20.29 2.78
N SER A 66 4.27 20.03 3.77
CA SER A 66 5.63 19.59 3.51
C SER A 66 5.59 18.14 3.03
N VAL A 67 6.44 17.83 2.06
CA VAL A 67 6.37 16.56 1.33
C VAL A 67 7.61 15.73 1.63
N TYR A 68 7.41 14.50 2.07
CA TYR A 68 8.49 13.57 2.36
C TYR A 68 8.35 12.39 1.42
N ASP A 69 9.16 12.40 0.36
CA ASP A 69 9.11 11.36 -0.65
C ASP A 69 10.38 10.54 -0.74
N ASN A 70 11.29 10.66 0.25
CA ASN A 70 12.57 9.96 0.23
C ASN A 70 12.91 9.43 1.63
N LEU A 71 11.92 8.94 2.37
CA LEU A 71 12.16 8.32 3.67
C LEU A 71 12.47 6.85 3.43
N SER A 72 13.51 6.34 4.11
CA SER A 72 13.82 4.93 4.00
C SER A 72 12.59 4.10 4.37
N PRO A 73 12.30 3.03 3.65
CA PRO A 73 11.18 2.15 4.04
C PRO A 73 11.50 1.28 5.24
N VAL A 74 12.73 1.26 5.76
CA VAL A 74 13.02 0.48 6.95
C VAL A 74 12.47 1.22 8.16
N VAL A 75 11.53 0.59 8.86
CA VAL A 75 10.90 1.18 10.04
C VAL A 75 10.88 0.17 11.18
N THR A 76 10.68 0.67 12.40
CA THR A 76 10.45 -0.25 13.50
C THR A 76 9.00 -0.73 13.49
N THR A 77 8.76 -1.85 14.19
CA THR A 77 7.38 -2.29 14.40
C THR A 77 6.62 -1.30 15.25
N TRP A 78 7.32 -0.52 16.08
CA TRP A 78 6.68 0.55 16.81
C TRP A 78 6.14 1.63 15.85
N GLN A 79 6.95 2.04 14.88
CA GLN A 79 6.46 3.00 13.89
C GLN A 79 5.28 2.42 13.10
N ASN A 80 5.45 1.20 12.59
CA ASN A 80 4.46 0.68 11.66
C ASN A 80 3.16 0.32 12.36
N PHE A 81 3.22 -0.13 13.62
CA PHE A 81 2.06 -0.70 14.30
C PHE A 81 1.71 0.04 15.59
N ASP A 82 2.60 0.04 16.59
CA ASP A 82 2.23 0.50 17.92
C ASP A 82 1.82 1.97 17.91
N SER A 83 2.56 2.82 17.18
CA SER A 83 2.25 4.24 17.18
C SER A 83 0.86 4.52 16.63
N LEU A 84 0.32 3.60 15.84
CA LEU A 84 -0.99 3.72 15.20
C LEU A 84 -2.06 2.95 15.95
N LEU A 85 -1.78 2.53 17.18
CA LEU A 85 -2.75 1.88 18.06
C LEU A 85 -3.16 0.50 17.55
N ILE A 86 -2.35 -0.10 16.70
CA ILE A 86 -2.68 -1.42 16.18
C ILE A 86 -2.41 -2.45 17.27
N PRO A 87 -3.42 -3.21 17.70
CA PRO A 87 -3.22 -4.13 18.83
C PRO A 87 -2.17 -5.19 18.56
N ALA A 88 -1.57 -5.69 19.65
CA ALA A 88 -0.51 -6.68 19.55
C ALA A 88 -0.96 -7.95 18.84
N ASP A 89 -2.24 -8.31 18.96
CA ASP A 89 -2.77 -9.53 18.35
C ASP A 89 -3.44 -9.29 17.01
N HIS A 90 -3.27 -8.11 16.44
CA HIS A 90 -3.97 -7.78 15.20
C HIS A 90 -3.38 -8.57 14.03
N PRO A 91 -4.24 -9.10 13.16
CA PRO A 91 -3.74 -9.92 12.04
C PRO A 91 -2.88 -9.16 11.05
N SER A 92 -2.95 -7.83 11.02
CA SER A 92 -2.08 -7.09 10.12
C SER A 92 -0.61 -7.25 10.49
N ARG A 93 -0.30 -7.78 11.67
CA ARG A 93 1.08 -8.01 12.07
C ARG A 93 1.63 -9.36 11.65
N LYS A 94 0.82 -10.25 11.08
CA LYS A 94 1.24 -11.63 10.92
C LYS A 94 2.48 -11.74 10.04
N LYS A 95 3.35 -12.69 10.39
CA LYS A 95 4.57 -12.92 9.59
C LYS A 95 4.23 -13.26 8.15
N GLY A 96 3.07 -13.90 7.92
CA GLY A 96 2.67 -14.24 6.57
C GLY A 96 2.46 -13.05 5.66
N ASP A 97 2.22 -11.86 6.22
CA ASP A 97 1.80 -10.72 5.42
C ASP A 97 2.81 -9.58 5.37
N ASN A 98 3.88 -9.62 6.14
CA ASN A 98 4.82 -8.52 6.26
C ASN A 98 6.24 -8.98 6.00
N TYR A 99 7.05 -8.06 5.48
CA TYR A 99 8.48 -8.31 5.30
C TYR A 99 9.22 -7.81 6.55
N TYR A 100 9.52 -8.74 7.44
CA TYR A 100 10.26 -8.43 8.67
C TYR A 100 11.75 -8.64 8.44
N LEU A 101 12.55 -7.60 8.66
CA LEU A 101 14.00 -7.81 8.78
C LEU A 101 14.31 -8.65 10.01
N ASN A 102 13.60 -8.40 11.10
CA ASN A 102 13.65 -9.22 12.31
C ASN A 102 12.47 -8.81 13.20
N ARG A 103 12.50 -9.17 14.49
CA ARG A 103 11.36 -8.87 15.34
C ARG A 103 11.16 -7.38 15.57
N THR A 104 12.20 -6.57 15.38
CA THR A 104 12.11 -5.14 15.68
C THR A 104 11.99 -4.26 14.45
N HIS A 105 12.55 -4.67 13.31
CA HIS A 105 12.58 -3.83 12.11
C HIS A 105 11.91 -4.55 10.95
N MET A 106 11.31 -3.75 10.06
CA MET A 106 10.57 -4.29 8.94
C MET A 106 10.62 -3.29 7.80
N LEU A 107 10.27 -3.74 6.60
CA LEU A 107 9.94 -2.80 5.54
C LEU A 107 8.51 -2.32 5.79
N ARG A 108 8.30 -1.00 5.78
CA ARG A 108 6.99 -0.46 6.10
C ARG A 108 5.91 -1.05 5.20
N ALA A 109 4.77 -1.40 5.79
CA ALA A 109 3.65 -1.92 5.04
C ALA A 109 2.69 -0.81 4.65
N HIS A 110 2.87 0.39 5.19
CA HIS A 110 2.05 1.55 4.83
C HIS A 110 2.82 2.80 5.15
N THR A 111 2.52 3.88 4.41
CA THR A 111 3.10 5.17 4.72
C THR A 111 2.60 5.75 6.04
N SER A 112 1.55 5.18 6.63
CA SER A 112 1.09 5.63 7.94
C SER A 112 2.15 5.38 9.02
N ALA A 113 3.15 4.52 8.73
CA ALA A 113 4.27 4.31 9.65
C ALA A 113 5.03 5.59 9.97
N HIS A 114 4.81 6.67 9.23
CA HIS A 114 5.53 7.92 9.48
C HIS A 114 4.67 9.02 10.10
N GLN A 115 3.39 8.74 10.37
CA GLN A 115 2.49 9.76 10.91
C GLN A 115 2.99 10.28 12.25
N TRP A 116 3.27 9.37 13.18
CA TRP A 116 3.60 9.79 14.54
C TRP A 116 4.86 10.64 14.56
N ASP A 117 5.90 10.21 13.85
CA ASP A 117 7.17 10.95 13.86
C ASP A 117 6.99 12.36 13.33
N LEU A 118 6.24 12.53 12.24
CA LEU A 118 6.10 13.85 11.65
C LEU A 118 5.18 14.74 12.48
N LEU A 119 4.14 14.14 13.09
CA LEU A 119 3.36 14.88 14.07
C LEU A 119 4.22 15.32 15.24
N HIS A 120 5.09 14.42 15.70
CA HIS A 120 5.93 14.70 16.86
C HIS A 120 6.95 15.79 16.56
N ALA A 121 7.39 15.90 15.30
CA ALA A 121 8.24 17.01 14.87
C ALA A 121 7.49 18.32 14.79
N GLY A 122 6.18 18.33 14.99
CA GLY A 122 5.39 19.53 15.09
C GLY A 122 4.65 19.96 13.84
N LEU A 123 4.69 19.18 12.76
CA LEU A 123 4.02 19.58 11.54
C LEU A 123 2.51 19.45 11.65
N ASP A 124 1.79 20.44 11.10
CA ASP A 124 0.33 20.39 11.02
C ASP A 124 -0.18 19.86 9.69
N ALA A 125 0.66 19.81 8.66
CA ALA A 125 0.21 19.35 7.35
C ALA A 125 1.39 18.74 6.63
N PHE A 126 1.23 17.51 6.16
CA PHE A 126 2.32 16.88 5.43
C PHE A 126 1.80 15.77 4.52
N LEU A 127 2.59 15.49 3.49
CA LEU A 127 2.41 14.33 2.64
C LEU A 127 3.62 13.43 2.80
N VAL A 128 3.38 12.13 2.79
CA VAL A 128 4.43 11.13 2.72
C VAL A 128 4.18 10.27 1.49
N VAL A 129 5.18 10.12 0.64
CA VAL A 129 5.03 9.33 -0.58
C VAL A 129 6.13 8.29 -0.60
N GLY A 130 5.79 7.03 -0.77
CA GLY A 130 6.84 6.03 -0.73
C GLY A 130 6.42 4.66 -1.16
N ASP A 131 7.44 3.86 -1.49
CA ASP A 131 7.31 2.43 -1.66
C ASP A 131 6.99 1.75 -0.33
N VAL A 132 5.99 0.86 -0.37
CA VAL A 132 5.59 0.06 0.78
C VAL A 132 5.58 -1.40 0.34
N TYR A 133 5.55 -2.29 1.32
CA TYR A 133 5.91 -3.68 1.10
C TYR A 133 4.94 -4.59 1.82
N ARG A 134 4.35 -5.55 1.11
CA ARG A 134 3.43 -6.51 1.74
C ARG A 134 3.58 -7.85 1.05
N ARG A 135 3.47 -8.92 1.84
CA ARG A 135 3.48 -10.27 1.30
C ARG A 135 2.07 -10.64 0.90
N ASP A 136 1.89 -11.09 -0.34
CA ASP A 136 0.56 -11.27 -0.89
C ASP A 136 0.62 -12.19 -2.11
N GLN A 137 -0.55 -12.40 -2.69
CA GLN A 137 -0.76 -13.30 -3.83
C GLN A 137 -0.20 -12.68 -5.11
N ILE A 138 -0.22 -13.49 -6.17
CA ILE A 138 0.34 -13.10 -7.47
C ILE A 138 -0.79 -13.03 -8.49
N ASP A 139 -1.06 -11.82 -8.97
CA ASP A 139 -1.92 -11.60 -10.13
C ASP A 139 -1.66 -10.20 -10.64
N SER A 140 -2.43 -9.79 -11.66
CA SER A 140 -2.17 -8.53 -12.35
C SER A 140 -2.42 -7.31 -11.48
N GLN A 141 -3.01 -7.49 -10.30
CA GLN A 141 -3.38 -6.38 -9.43
C GLN A 141 -2.60 -6.37 -8.12
N HIS A 142 -1.62 -7.27 -7.96
CA HIS A 142 -0.86 -7.38 -6.72
C HIS A 142 0.62 -7.49 -7.03
N TYR A 143 1.43 -6.78 -6.25
CA TYR A 143 2.88 -6.82 -6.39
C TYR A 143 3.44 -6.65 -4.99
N PRO A 144 4.60 -7.26 -4.69
CA PRO A 144 5.12 -7.20 -3.31
C PRO A 144 5.51 -5.81 -2.89
N ILE A 145 5.82 -4.94 -3.85
CA ILE A 145 6.17 -3.56 -3.59
C ILE A 145 5.14 -2.71 -4.33
N PHE A 146 4.55 -1.74 -3.64
CA PHE A 146 3.67 -0.79 -4.28
C PHE A 146 3.92 0.56 -3.63
N HIS A 147 3.10 1.55 -3.96
CA HIS A 147 3.38 2.90 -3.49
C HIS A 147 2.13 3.56 -2.94
N GLN A 148 2.31 4.31 -1.87
CA GLN A 148 1.20 5.04 -1.25
C GLN A 148 1.57 6.51 -1.09
N LEU A 149 0.54 7.33 -1.06
CA LEU A 149 0.64 8.73 -0.67
C LEU A 149 -0.22 8.94 0.58
N GLU A 150 0.42 9.36 1.66
CA GLU A 150 -0.23 9.69 2.92
C GLU A 150 -0.41 11.19 3.00
N ALA A 151 -1.53 11.63 3.55
CA ALA A 151 -1.73 13.03 3.85
C ALA A 151 -2.29 13.16 5.26
N VAL A 152 -1.78 14.15 5.99
CA VAL A 152 -2.23 14.45 7.35
C VAL A 152 -2.46 15.95 7.40
N ARG A 153 -3.57 16.36 8.01
CA ARG A 153 -3.94 17.77 8.10
C ARG A 153 -4.62 18.00 9.44
N LEU A 154 -4.02 18.86 10.28
CA LEU A 154 -4.54 19.16 11.60
C LEU A 154 -5.18 20.55 11.59
N PHE A 155 -6.18 20.71 12.45
CA PHE A 155 -6.88 21.98 12.63
C PHE A 155 -6.80 22.41 14.08
N SER A 156 -6.65 23.71 14.30
CA SER A 156 -6.88 24.28 15.62
C SER A 156 -8.35 24.60 15.81
N LYS A 157 -8.74 24.84 17.06
CA LYS A 157 -10.15 25.05 17.39
C LYS A 157 -10.72 26.26 16.65
N HIS A 158 -10.08 27.42 16.78
CA HIS A 158 -10.65 28.58 16.12
C HIS A 158 -10.49 28.54 14.61
N GLU A 159 -9.55 27.72 14.12
CA GLU A 159 -9.43 27.54 12.68
C GLU A 159 -10.61 26.74 12.13
N LEU A 160 -10.97 25.66 12.82
CA LEU A 160 -12.05 24.82 12.33
C LEU A 160 -13.38 25.56 12.35
N PHE A 161 -13.57 26.44 13.33
CA PHE A 161 -14.82 27.16 13.55
C PHE A 161 -14.75 28.60 13.06
N ALA A 162 -13.77 28.94 12.23
CA ALA A 162 -13.53 30.34 11.86
C ALA A 162 -14.64 30.95 11.04
N GLY A 163 -15.42 30.13 10.33
CA GLY A 163 -16.48 30.66 9.50
C GLY A 163 -17.80 30.86 10.21
N ILE A 164 -17.83 30.73 11.54
CA ILE A 164 -19.06 30.73 12.31
C ILE A 164 -19.13 31.99 13.14
N LYS A 165 -20.26 32.70 13.07
CA LYS A 165 -20.37 34.00 13.72
C LYS A 165 -20.37 33.88 15.24
N ASP A 166 -21.26 33.06 15.77
CA ASP A 166 -21.38 32.89 17.23
C ASP A 166 -20.72 31.60 17.68
N GLY A 167 -19.49 31.37 17.26
CA GLY A 167 -18.80 30.12 17.47
C GLY A 167 -17.84 30.06 18.62
N GLU A 168 -17.77 31.11 19.45
CA GLU A 168 -16.85 31.08 20.59
C GLU A 168 -17.19 30.01 21.60
N SER A 169 -18.44 29.53 21.62
CA SER A 169 -18.80 28.44 22.52
C SER A 169 -18.29 27.09 22.02
N LEU A 170 -18.10 26.93 20.71
CA LEU A 170 -17.82 25.63 20.13
C LEU A 170 -16.45 25.10 20.54
N GLN A 171 -16.36 23.79 20.71
CA GLN A 171 -15.14 23.14 21.18
C GLN A 171 -14.77 22.00 20.25
N LEU A 172 -13.47 21.67 20.25
CA LEU A 172 -13.03 20.44 19.59
C LEU A 172 -13.30 19.23 20.46
N PHE A 173 -13.18 19.39 21.78
CA PHE A 173 -13.10 18.25 22.68
C PHE A 173 -14.17 18.31 23.77
N GLU A 174 -14.56 17.13 24.21
CA GLU A 174 -15.47 16.95 25.34
C GLU A 174 -15.19 15.58 25.93
N GLN A 175 -15.94 15.22 26.96
CA GLN A 175 -15.80 13.91 27.59
C GLN A 175 -17.15 13.22 27.50
N SER A 176 -17.35 12.47 26.42
CA SER A 176 -18.58 11.71 26.25
C SER A 176 -18.27 10.27 25.85
N SER A 177 -19.08 9.70 24.96
CA SER A 177 -18.96 8.30 24.61
C SER A 177 -18.59 8.15 23.14
N ARG A 178 -17.96 7.03 22.83
CA ARG A 178 -17.67 6.68 21.44
C ARG A 178 -18.91 6.06 20.84
N SER A 179 -19.21 6.45 19.60
CA SER A 179 -20.32 5.88 18.86
C SER A 179 -19.82 5.47 17.48
N ALA A 180 -20.75 5.01 16.64
CA ALA A 180 -20.37 4.73 15.25
C ALA A 180 -19.94 6.00 14.53
N HIS A 181 -20.27 7.18 15.07
CA HIS A 181 -20.08 8.43 14.38
C HIS A 181 -18.91 9.27 14.91
N LYS A 182 -18.43 9.02 16.12
CA LYS A 182 -17.39 9.90 16.68
C LYS A 182 -16.65 9.19 17.80
N GLN A 183 -15.45 9.72 18.09
CA GLN A 183 -14.64 9.28 19.22
C GLN A 183 -15.17 9.87 20.52
N GLU A 184 -14.71 9.31 21.63
CA GLU A 184 -15.26 9.71 22.93
C GLU A 184 -14.82 11.11 23.35
N THR A 185 -13.68 11.61 22.87
CA THR A 185 -13.24 12.94 23.28
C THR A 185 -13.49 14.03 22.24
N HIS A 186 -14.16 13.72 21.14
CA HIS A 186 -14.47 14.72 20.12
C HIS A 186 -15.92 15.18 20.24
N THR A 187 -16.14 16.47 20.00
CA THR A 187 -17.51 16.94 19.85
C THR A 187 -18.02 16.56 18.47
N MET A 188 -19.33 16.39 18.36
CA MET A 188 -19.92 16.12 17.06
C MET A 188 -19.75 17.29 16.12
N GLU A 189 -19.76 18.52 16.65
CA GLU A 189 -19.54 19.70 15.82
C GLU A 189 -18.20 19.62 15.12
N ALA A 190 -17.16 19.27 15.87
CA ALA A 190 -15.83 19.18 15.27
C ALA A 190 -15.75 18.05 14.26
N VAL A 191 -16.30 16.88 14.59
CA VAL A 191 -16.20 15.74 13.68
C VAL A 191 -16.89 16.05 12.36
N LYS A 192 -18.08 16.65 12.40
CA LYS A 192 -18.78 16.96 11.16
C LYS A 192 -17.96 17.88 10.26
N LEU A 193 -17.28 18.86 10.85
CA LEU A 193 -16.51 19.81 10.04
C LEU A 193 -15.21 19.20 9.52
N VAL A 194 -14.56 18.35 10.32
CA VAL A 194 -13.37 17.66 9.84
C VAL A 194 -13.73 16.68 8.73
N GLU A 195 -14.81 15.90 8.93
CA GLU A 195 -15.26 14.98 7.90
C GLU A 195 -15.61 15.72 6.61
N PHE A 196 -16.29 16.87 6.74
CA PHE A 196 -16.65 17.63 5.55
C PHE A 196 -15.41 18.08 4.80
N ASP A 197 -14.43 18.61 5.51
CA ASP A 197 -13.21 19.06 4.87
C ASP A 197 -12.51 17.90 4.17
N LEU A 198 -12.42 16.77 4.85
CA LEU A 198 -11.71 15.61 4.30
C LEU A 198 -12.38 15.13 3.03
N LYS A 199 -13.69 14.92 3.08
CA LYS A 199 -14.40 14.38 1.92
C LYS A 199 -14.44 15.40 0.78
N GLN A 200 -14.61 16.69 1.11
CA GLN A 200 -14.63 17.71 0.07
C GLN A 200 -13.30 17.75 -0.67
N THR A 201 -12.19 17.73 0.07
CA THR A 201 -10.89 17.83 -0.61
C THR A 201 -10.61 16.61 -1.47
N LEU A 202 -10.96 15.42 -0.97
CA LEU A 202 -10.73 14.21 -1.75
C LEU A 202 -11.64 14.14 -2.97
N THR A 203 -12.90 14.54 -2.83
CA THR A 203 -13.78 14.59 -3.99
C THR A 203 -13.26 15.57 -5.04
N ARG A 204 -12.81 16.74 -4.61
CA ARG A 204 -12.28 17.71 -5.57
C ARG A 204 -11.02 17.18 -6.25
N LEU A 205 -10.13 16.54 -5.48
CA LEU A 205 -8.94 15.95 -6.07
C LEU A 205 -9.30 14.92 -7.14
N MET A 206 -10.23 14.01 -6.82
CA MET A 206 -10.57 12.97 -7.79
C MET A 206 -11.27 13.55 -9.00
N ALA A 207 -12.12 14.56 -8.80
CA ALA A 207 -12.83 15.16 -9.93
C ALA A 207 -11.85 15.80 -10.90
N HIS A 208 -10.78 16.39 -10.37
CA HIS A 208 -9.76 16.97 -11.23
C HIS A 208 -9.04 15.88 -12.02
N LEU A 209 -8.67 14.78 -11.35
CA LEU A 209 -7.92 13.73 -12.01
C LEU A 209 -8.75 13.03 -13.08
N PHE A 210 -10.01 12.72 -12.77
CA PHE A 210 -10.85 11.88 -13.61
C PHE A 210 -11.87 12.65 -14.43
N GLY A 211 -12.15 13.90 -14.10
CA GLY A 211 -13.28 14.60 -14.68
C GLY A 211 -14.55 14.28 -13.92
N ASP A 212 -15.66 14.82 -14.40
CA ASP A 212 -16.93 14.69 -13.71
C ASP A 212 -17.81 13.56 -14.26
N GLU A 213 -17.23 12.62 -14.99
CA GLU A 213 -17.90 11.36 -15.30
C GLU A 213 -17.64 10.31 -14.23
N LEU A 214 -16.74 10.58 -13.30
CA LEU A 214 -16.32 9.62 -12.30
C LEU A 214 -17.48 9.23 -11.39
N GLU A 215 -17.58 7.94 -11.09
CA GLU A 215 -18.53 7.44 -10.09
C GLU A 215 -17.73 6.99 -8.87
N ILE A 216 -17.90 7.69 -7.76
CA ILE A 216 -17.25 7.36 -6.50
C ILE A 216 -18.32 7.18 -5.44
N ARG A 217 -17.95 6.48 -4.38
CA ARG A 217 -18.80 6.38 -3.20
C ARG A 217 -17.91 6.23 -1.98
N TRP A 218 -18.48 6.57 -0.82
CA TRP A 218 -17.81 6.45 0.45
C TRP A 218 -18.37 5.25 1.18
N VAL A 219 -17.49 4.41 1.69
CA VAL A 219 -17.84 3.21 2.44
C VAL A 219 -17.36 3.39 3.87
N ASP A 220 -18.27 3.30 4.84
CA ASP A 220 -17.88 3.37 6.23
C ASP A 220 -17.09 2.13 6.61
N CYS A 221 -15.96 2.32 7.29
CA CYS A 221 -15.07 1.20 7.56
C CYS A 221 -14.35 1.46 8.88
N TYR A 222 -13.31 0.65 9.14
CA TYR A 222 -12.60 0.68 10.41
C TYR A 222 -11.11 0.63 10.19
N PHE A 223 -10.38 1.51 10.88
CA PHE A 223 -8.93 1.39 11.08
C PHE A 223 -8.65 1.70 12.54
N PRO A 224 -7.57 1.13 13.11
CA PRO A 224 -7.28 1.42 14.53
C PRO A 224 -6.85 2.86 14.77
N PHE A 225 -6.40 3.57 13.73
CA PHE A 225 -5.79 4.89 13.89
C PHE A 225 -6.67 6.04 13.43
N THR A 226 -7.90 5.77 13.01
CA THR A 226 -8.87 6.81 12.69
C THR A 226 -10.23 6.35 13.19
N HIS A 227 -11.10 7.32 13.42
CA HIS A 227 -12.52 7.06 13.70
C HIS A 227 -13.28 8.37 13.77
N PRO A 228 -14.34 8.50 12.98
CA PRO A 228 -14.86 7.57 11.97
C PRO A 228 -13.90 7.43 10.81
N SER A 229 -14.09 6.36 10.02
CA SER A 229 -13.18 6.03 8.94
C SER A 229 -13.99 5.68 7.71
N PHE A 230 -13.38 5.92 6.56
CA PHE A 230 -14.03 5.68 5.28
C PHE A 230 -13.03 5.12 4.29
N GLU A 231 -13.55 4.37 3.32
CA GLU A 231 -12.82 4.09 2.10
C GLU A 231 -13.56 4.78 0.96
N MET A 232 -12.81 5.32 0.01
CA MET A 232 -13.40 5.78 -1.23
C MET A 232 -13.26 4.68 -2.26
N GLU A 233 -14.38 4.33 -2.88
CA GLU A 233 -14.37 3.36 -3.97
C GLU A 233 -14.73 4.06 -5.27
N ILE A 234 -14.10 3.62 -6.37
CA ILE A 234 -14.40 4.11 -7.71
C ILE A 234 -15.01 2.95 -8.48
N ASN A 235 -16.08 3.21 -9.21
CA ASN A 235 -16.64 2.15 -10.05
C ASN A 235 -15.87 2.07 -11.35
N PHE A 236 -15.26 0.92 -11.62
CA PHE A 236 -14.32 0.76 -12.72
C PHE A 236 -14.52 -0.63 -13.29
N HIS A 237 -14.75 -0.70 -14.59
CA HIS A 237 -15.00 -1.99 -15.26
C HIS A 237 -16.12 -2.76 -14.56
N GLY A 238 -17.13 -2.02 -14.12
CA GLY A 238 -18.32 -2.61 -13.58
C GLY A 238 -18.25 -3.05 -12.13
N GLU A 239 -17.17 -2.73 -11.42
CA GLU A 239 -17.10 -3.11 -10.02
C GLU A 239 -16.56 -1.95 -9.20
N TRP A 240 -16.94 -1.94 -7.92
CA TRP A 240 -16.49 -0.92 -6.99
C TRP A 240 -15.13 -1.32 -6.43
N LEU A 241 -14.14 -0.46 -6.63
CA LEU A 241 -12.76 -0.73 -6.23
C LEU A 241 -12.30 0.31 -5.23
N GLU A 242 -11.78 -0.13 -4.10
CA GLU A 242 -11.24 0.80 -3.12
C GLU A 242 -9.94 1.42 -3.63
N VAL A 243 -9.82 2.73 -3.48
CA VAL A 243 -8.59 3.43 -3.87
C VAL A 243 -7.90 4.14 -2.72
N LEU A 244 -8.58 4.39 -1.61
CA LEU A 244 -7.93 5.04 -0.47
C LEU A 244 -8.70 4.71 0.79
N GLY A 245 -8.01 4.82 1.92
CA GLY A 245 -8.63 4.81 3.23
C GLY A 245 -8.37 6.15 3.89
N CYS A 246 -9.29 6.57 4.75
CA CYS A 246 -9.13 7.86 5.41
C CYS A 246 -9.97 7.91 6.68
N GLY A 247 -9.80 8.98 7.44
CA GLY A 247 -10.70 9.21 8.56
C GLY A 247 -10.23 10.34 9.44
N VAL A 248 -10.95 10.50 10.56
CA VAL A 248 -10.60 11.46 11.60
C VAL A 248 -9.57 10.78 12.51
N MET A 249 -8.41 11.40 12.67
CA MET A 249 -7.31 10.75 13.36
C MET A 249 -7.68 10.46 14.81
N GLU A 250 -7.30 9.27 15.29
CA GLU A 250 -7.55 8.94 16.69
C GLU A 250 -6.84 9.92 17.60
N GLN A 251 -7.57 10.46 18.57
CA GLN A 251 -6.99 11.54 19.36
C GLN A 251 -5.86 11.05 20.26
N GLN A 252 -5.87 9.78 20.65
CA GLN A 252 -4.76 9.26 21.44
C GLN A 252 -3.46 9.33 20.66
N LEU A 253 -3.52 9.03 19.36
CA LEU A 253 -2.34 9.13 18.50
C LEU A 253 -1.87 10.58 18.42
N VAL A 254 -2.79 11.49 18.12
CA VAL A 254 -2.43 12.91 18.00
C VAL A 254 -1.90 13.45 19.33
N ASN A 255 -2.54 13.11 20.45
CA ASN A 255 -2.08 13.59 21.75
C ASN A 255 -0.72 13.01 22.09
N SER A 256 -0.50 11.72 21.79
CA SER A 256 0.76 11.06 22.13
C SER A 256 1.94 11.69 21.40
N ALA A 257 1.71 12.30 20.23
CA ALA A 257 2.77 12.97 19.50
C ALA A 257 3.00 14.40 19.97
N GLY A 258 2.14 14.91 20.85
CA GLY A 258 2.30 16.25 21.40
C GLY A 258 1.42 17.31 20.78
N ALA A 259 0.39 16.93 20.02
CA ALA A 259 -0.49 17.90 19.39
C ALA A 259 -1.88 17.88 20.01
N GLN A 260 -1.95 17.98 21.35
CA GLN A 260 -3.23 17.82 22.03
C GLN A 260 -4.19 18.99 21.82
N ASP A 261 -3.76 20.08 21.18
CA ASP A 261 -4.65 21.16 20.81
C ASP A 261 -5.05 21.12 19.33
N ARG A 262 -5.06 19.93 18.73
CA ARG A 262 -5.39 19.78 17.31
C ARG A 262 -6.29 18.58 17.13
N ILE A 263 -7.17 18.67 16.13
CA ILE A 263 -7.91 17.53 15.59
C ILE A 263 -7.51 17.41 14.13
N GLY A 264 -7.50 16.19 13.62
CA GLY A 264 -6.92 15.99 12.30
C GLY A 264 -7.70 14.99 11.46
N TRP A 265 -7.50 15.12 10.15
CA TRP A 265 -7.81 14.02 9.24
C TRP A 265 -6.54 13.47 8.62
N ALA A 266 -6.64 12.24 8.12
CA ALA A 266 -5.55 11.59 7.41
C ALA A 266 -6.11 10.70 6.32
N PHE A 267 -5.32 10.50 5.28
CA PHE A 267 -5.69 9.56 4.24
C PHE A 267 -4.45 8.87 3.68
N GLY A 268 -4.67 7.73 3.06
CA GLY A 268 -3.63 6.95 2.43
C GLY A 268 -4.13 6.44 1.09
N LEU A 269 -3.50 6.89 0.02
CA LEU A 269 -3.91 6.60 -1.35
C LEU A 269 -2.99 5.54 -1.93
N GLY A 270 -3.58 4.55 -2.60
CA GLY A 270 -2.78 3.57 -3.33
C GLY A 270 -2.46 4.07 -4.72
N LEU A 271 -1.17 4.32 -5.01
CA LEU A 271 -0.84 4.98 -6.28
C LEU A 271 -1.04 4.06 -7.48
N GLU A 272 -0.63 2.79 -7.39
CA GLU A 272 -0.79 1.89 -8.52
C GLU A 272 -2.26 1.71 -8.89
N ARG A 273 -3.13 1.52 -7.90
CA ARG A 273 -4.54 1.34 -8.23
C ARG A 273 -5.08 2.57 -8.93
N LEU A 274 -4.77 3.76 -8.40
CA LEU A 274 -5.22 4.98 -9.06
C LEU A 274 -4.67 5.07 -10.48
N ALA A 275 -3.37 4.79 -10.66
CA ALA A 275 -2.75 4.93 -11.98
C ALA A 275 -3.30 3.91 -12.96
N MET A 276 -3.57 2.70 -12.50
CA MET A 276 -4.10 1.68 -13.41
C MET A 276 -5.47 2.08 -13.93
N ILE A 277 -6.31 2.67 -13.06
CA ILE A 277 -7.63 3.15 -13.48
C ILE A 277 -7.47 4.37 -14.36
N LEU A 278 -6.67 5.34 -13.91
CA LEU A 278 -6.59 6.62 -14.61
C LEU A 278 -5.97 6.47 -16.00
N TYR A 279 -4.94 5.62 -16.15
CA TYR A 279 -4.13 5.61 -17.37
C TYR A 279 -4.35 4.42 -18.28
N ASP A 280 -5.30 3.53 -17.97
CA ASP A 280 -5.55 2.32 -18.78
C ASP A 280 -4.38 1.34 -18.70
N ILE A 281 -3.78 1.17 -17.53
CA ILE A 281 -2.62 0.29 -17.38
C ILE A 281 -3.13 -1.07 -16.89
N PRO A 282 -3.01 -2.14 -17.69
CA PRO A 282 -3.72 -3.38 -17.39
C PRO A 282 -3.04 -4.35 -16.43
N ASP A 283 -1.76 -4.17 -16.11
CA ASP A 283 -1.03 -5.14 -15.31
C ASP A 283 0.01 -4.38 -14.51
N ILE A 284 0.05 -4.64 -13.19
CA ILE A 284 0.91 -3.91 -12.28
C ILE A 284 2.40 -4.12 -12.59
N ARG A 285 2.76 -5.22 -13.25
CA ARG A 285 4.17 -5.40 -13.62
C ARG A 285 4.68 -4.29 -14.54
N LEU A 286 3.79 -3.62 -15.27
CA LEU A 286 4.24 -2.61 -16.23
C LEU A 286 4.93 -1.44 -15.56
N PHE A 287 4.58 -1.14 -14.30
CA PHE A 287 5.26 -0.06 -13.61
C PHE A 287 6.75 -0.32 -13.45
N TRP A 288 7.16 -1.59 -13.54
CA TRP A 288 8.52 -2.02 -13.24
C TRP A 288 9.34 -2.37 -14.49
N CYS A 289 8.79 -2.20 -15.67
CA CYS A 289 9.58 -2.46 -16.86
C CYS A 289 10.22 -1.15 -17.33
N GLU A 290 11.39 -1.27 -17.94
CA GLU A 290 12.05 -0.11 -18.52
C GLU A 290 11.77 0.03 -20.02
N ASP A 291 10.80 -0.74 -20.52
CA ASP A 291 10.48 -0.72 -21.94
C ASP A 291 10.10 0.71 -22.35
N GLU A 292 10.81 1.23 -23.34
CA GLU A 292 10.52 2.58 -23.82
C GLU A 292 9.14 2.68 -24.46
N ARG A 293 8.59 1.56 -24.94
CA ARG A 293 7.20 1.58 -25.42
C ARG A 293 6.25 2.02 -24.33
N PHE A 294 6.57 1.74 -23.07
CA PHE A 294 5.73 2.10 -21.95
C PHE A 294 6.06 3.49 -21.41
N LEU A 295 7.33 3.74 -21.10
CA LEU A 295 7.70 4.97 -20.40
C LEU A 295 7.53 6.22 -21.27
N LYS A 296 7.70 6.09 -22.59
CA LYS A 296 7.61 7.26 -23.45
C LYS A 296 6.19 7.83 -23.47
N GLN A 297 5.18 6.99 -23.22
CA GLN A 297 3.80 7.43 -23.28
C GLN A 297 3.42 8.39 -22.15
N PHE A 298 4.29 8.55 -21.15
CA PHE A 298 3.99 9.39 -19.98
C PHE A 298 4.88 10.62 -19.90
N CYS A 299 5.70 10.87 -20.92
CA CYS A 299 6.55 12.06 -20.95
C CYS A 299 5.70 13.20 -21.53
N VAL A 300 5.11 13.99 -20.65
CA VAL A 300 4.11 14.99 -21.03
C VAL A 300 4.57 16.38 -20.62
N SER A 301 4.11 17.37 -21.39
CA SER A 301 4.52 18.76 -21.17
C SER A 301 3.83 19.37 -19.95
N ASN A 302 2.58 18.97 -19.69
CA ASN A 302 1.84 19.41 -18.52
C ASN A 302 1.42 18.17 -17.76
N ILE A 303 1.63 18.17 -16.44
CA ILE A 303 1.35 16.98 -15.65
C ILE A 303 -0.12 16.61 -15.67
N ASN A 304 -1.00 17.55 -16.04
CA ASN A 304 -2.43 17.34 -16.11
C ASN A 304 -2.90 16.80 -17.47
N GLN A 305 -2.02 16.18 -18.24
CA GLN A 305 -2.41 15.65 -19.54
C GLN A 305 -3.14 14.32 -19.38
N LYS A 306 -4.21 14.16 -20.16
CA LYS A 306 -5.10 13.00 -20.04
C LYS A 306 -4.58 11.85 -20.92
N VAL A 307 -3.42 11.31 -20.52
CA VAL A 307 -2.78 10.28 -21.33
C VAL A 307 -3.53 8.96 -21.16
N LYS A 308 -3.55 8.17 -22.24
CA LYS A 308 -4.15 6.85 -22.22
C LYS A 308 -3.12 5.86 -22.75
N PHE A 309 -2.55 5.08 -21.85
CA PHE A 309 -1.59 4.06 -22.25
C PHE A 309 -2.22 3.15 -23.29
N GLN A 310 -1.50 2.93 -24.39
CA GLN A 310 -1.99 1.99 -25.38
C GLN A 310 -1.29 0.68 -25.12
N PRO A 311 -1.99 -0.36 -24.66
CA PRO A 311 -1.31 -1.61 -24.31
C PRO A 311 -0.84 -2.34 -25.55
N LEU A 312 0.21 -3.13 -25.36
CA LEU A 312 0.62 -4.07 -26.38
C LEU A 312 -0.41 -5.18 -26.46
N SER A 313 -0.32 -5.96 -27.54
CA SER A 313 -1.08 -7.20 -27.60
C SER A 313 -0.65 -8.11 -26.46
N LYS A 314 -1.58 -8.93 -25.98
CA LYS A 314 -1.23 -9.95 -25.01
C LYS A 314 -0.39 -11.03 -25.70
N TYR A 315 0.71 -11.39 -25.07
CA TYR A 315 1.53 -12.47 -25.60
C TYR A 315 1.01 -13.81 -25.09
N PRO A 316 1.34 -14.90 -25.76
CA PRO A 316 0.86 -16.21 -25.32
C PRO A 316 1.36 -16.57 -23.94
N ALA A 317 0.56 -17.35 -23.23
CA ALA A 317 0.86 -17.82 -21.89
C ALA A 317 1.12 -19.32 -21.91
N VAL A 318 2.00 -19.77 -21.01
CA VAL A 318 2.21 -21.18 -20.73
C VAL A 318 1.69 -21.43 -19.31
N ILE A 319 0.81 -22.42 -19.16
CA ILE A 319 0.19 -22.73 -17.89
C ILE A 319 0.75 -24.06 -17.39
N ASN A 320 1.28 -24.07 -16.17
CA ASN A 320 1.81 -25.29 -15.56
C ASN A 320 1.28 -25.42 -14.13
N ASP A 321 0.81 -26.61 -13.80
CA ASP A 321 0.42 -26.93 -12.43
C ASP A 321 1.61 -27.54 -11.70
N ILE A 322 1.66 -27.29 -10.39
CA ILE A 322 2.72 -27.79 -9.53
C ILE A 322 2.09 -28.19 -8.20
N SER A 323 2.42 -29.39 -7.72
CA SER A 323 1.79 -29.93 -6.53
C SER A 323 2.86 -30.54 -5.62
N PHE A 324 2.64 -30.43 -4.31
CA PHE A 324 3.59 -30.97 -3.35
C PHE A 324 2.93 -31.14 -1.99
N TRP A 325 3.57 -31.96 -1.15
CA TRP A 325 3.16 -32.15 0.24
C TRP A 325 3.81 -31.09 1.09
N LEU A 326 3.02 -30.43 1.92
CA LEU A 326 3.54 -29.38 2.78
C LEU A 326 4.40 -30.00 3.88
N PRO A 327 5.34 -29.24 4.44
CA PRO A 327 6.08 -29.71 5.61
C PRO A 327 5.15 -29.92 6.79
N SER A 328 5.66 -30.63 7.79
CA SER A 328 4.88 -30.92 9.00
C SER A 328 4.63 -29.65 9.82
N GLU A 329 3.53 -28.96 9.52
CA GLU A 329 3.01 -27.87 10.36
C GLU A 329 3.91 -26.63 10.35
N ASN A 330 4.29 -26.19 9.14
CA ASN A 330 5.12 -24.98 9.01
C ASN A 330 5.14 -24.56 7.53
N TYR A 331 4.18 -23.71 7.16
CA TYR A 331 4.05 -23.30 5.76
C TYR A 331 2.98 -22.24 5.60
N ALA A 332 3.27 -21.20 4.82
CA ALA A 332 2.29 -20.22 4.41
C ALA A 332 2.29 -20.15 2.88
N GLU A 333 1.11 -20.01 2.29
CA GLU A 333 1.01 -19.81 0.84
C GLU A 333 1.95 -18.70 0.40
N ASN A 334 2.06 -17.65 1.20
CA ASN A 334 2.90 -16.52 0.81
C ASN A 334 4.38 -16.90 0.73
N ASP A 335 4.82 -17.95 1.44
CA ASP A 335 6.18 -18.44 1.25
C ASP A 335 6.38 -18.94 -0.17
N PHE A 336 5.40 -19.66 -0.69
CA PHE A 336 5.50 -20.14 -2.06
C PHE A 336 5.41 -18.98 -3.04
N TYR A 337 4.52 -18.01 -2.80
CA TYR A 337 4.43 -16.88 -3.73
C TYR A 337 5.74 -16.09 -3.75
N ASP A 338 6.37 -15.91 -2.59
CA ASP A 338 7.67 -15.25 -2.56
C ASP A 338 8.69 -16.01 -3.40
N LEU A 339 8.67 -17.34 -3.30
CA LEU A 339 9.61 -18.15 -4.08
C LEU A 339 9.32 -18.06 -5.56
N VAL A 340 8.03 -18.01 -5.94
CA VAL A 340 7.69 -17.80 -7.34
C VAL A 340 8.24 -16.47 -7.83
N ARG A 341 8.08 -15.40 -7.04
CA ARG A 341 8.64 -14.11 -7.43
C ARG A 341 10.15 -14.18 -7.57
N THR A 342 10.81 -14.93 -6.67
CA THR A 342 12.26 -15.04 -6.71
C THR A 342 12.73 -15.76 -7.97
N ILE A 343 12.09 -16.88 -8.32
CA ILE A 343 12.54 -17.71 -9.43
C ILE A 343 12.01 -17.19 -10.75
N GLY A 344 10.69 -16.92 -10.83
CA GLY A 344 10.09 -16.55 -12.08
C GLY A 344 10.00 -15.06 -12.33
N GLY A 345 10.05 -14.25 -11.26
CA GLY A 345 10.00 -12.82 -11.44
C GLY A 345 8.83 -12.37 -12.29
N ASP A 346 9.09 -11.42 -13.18
CA ASP A 346 8.03 -10.84 -13.99
C ASP A 346 7.58 -11.73 -15.13
N LEU A 347 8.15 -12.95 -15.27
CA LEU A 347 7.59 -13.91 -16.21
C LEU A 347 6.26 -14.45 -15.74
N VAL A 348 5.98 -14.39 -14.44
CA VAL A 348 4.79 -15.01 -13.87
C VAL A 348 3.67 -13.98 -13.77
N GLU A 349 2.56 -14.27 -14.43
CA GLU A 349 1.39 -13.38 -14.44
C GLU A 349 0.46 -13.63 -13.26
N LYS A 350 0.28 -14.90 -12.88
CA LYS A 350 -0.70 -15.25 -11.85
C LYS A 350 -0.35 -16.61 -11.26
N VAL A 351 -0.66 -16.78 -9.98
CA VAL A 351 -0.60 -18.08 -9.33
C VAL A 351 -1.91 -18.28 -8.57
N ASP A 352 -2.59 -19.40 -8.84
CA ASP A 352 -3.82 -19.75 -8.15
C ASP A 352 -3.61 -21.03 -7.36
N LEU A 353 -4.06 -21.06 -6.11
CA LEU A 353 -4.11 -22.31 -5.36
C LEU A 353 -5.39 -23.02 -5.76
N ILE A 354 -5.26 -24.15 -6.46
CA ILE A 354 -6.39 -24.84 -7.06
C ILE A 354 -6.97 -25.89 -6.12
N ASP A 355 -6.11 -26.70 -5.51
CA ASP A 355 -6.58 -27.86 -4.77
C ASP A 355 -5.78 -28.03 -3.50
N LYS A 356 -6.46 -28.49 -2.45
CA LYS A 356 -5.82 -28.88 -1.20
C LYS A 356 -6.54 -30.09 -0.65
N PHE A 357 -5.78 -31.01 -0.07
CA PHE A 357 -6.38 -32.17 0.58
C PHE A 357 -5.42 -32.71 1.62
N VAL A 358 -5.96 -33.54 2.50
CA VAL A 358 -5.19 -34.23 3.54
C VAL A 358 -5.21 -35.71 3.20
N HIS A 359 -4.05 -36.35 3.29
CA HIS A 359 -4.04 -37.79 3.03
C HIS A 359 -4.25 -38.55 4.33
N PRO A 360 -5.21 -39.47 4.39
CA PRO A 360 -5.53 -40.10 5.68
C PRO A 360 -4.43 -40.99 6.22
N LYS A 361 -3.71 -41.70 5.34
CA LYS A 361 -2.72 -42.65 5.85
C LYS A 361 -1.48 -41.94 6.38
N THR A 362 -1.15 -40.76 5.87
CA THR A 362 0.07 -40.07 6.27
C THR A 362 -0.16 -38.79 7.07
N HIS A 363 -1.37 -38.22 7.03
CA HIS A 363 -1.73 -36.96 7.68
C HIS A 363 -1.08 -35.73 7.04
N LYS A 364 -0.51 -35.88 5.84
CA LYS A 364 0.12 -34.75 5.16
C LYS A 364 -0.90 -34.00 4.32
N THR A 365 -0.65 -32.71 4.15
CA THR A 365 -1.49 -31.84 3.33
C THR A 365 -0.80 -31.59 1.99
N SER A 366 -1.57 -31.78 0.91
CA SER A 366 -1.09 -31.47 -0.43
C SER A 366 -1.72 -30.18 -0.92
N HIS A 367 -0.90 -29.32 -1.53
CA HIS A 367 -1.37 -28.15 -2.27
C HIS A 367 -1.05 -28.34 -3.74
N CYS A 368 -1.95 -27.88 -4.61
CA CYS A 368 -1.68 -27.83 -6.04
C CYS A 368 -1.92 -26.41 -6.52
N TYR A 369 -0.90 -25.80 -7.13
CA TYR A 369 -0.96 -24.44 -7.62
C TYR A 369 -0.91 -24.44 -9.14
N ARG A 370 -1.60 -23.48 -9.75
CA ARG A 370 -1.59 -23.26 -11.19
C ARG A 370 -0.84 -21.97 -11.48
N ILE A 371 0.24 -22.07 -12.25
CA ILE A 371 1.13 -20.95 -12.51
C ILE A 371 0.96 -20.53 -13.96
N THR A 372 0.60 -19.27 -14.18
CA THR A 372 0.46 -18.72 -15.52
C THR A 372 1.75 -17.96 -15.83
N TYR A 373 2.52 -18.48 -16.77
CA TYR A 373 3.73 -17.81 -17.26
C TYR A 373 3.33 -17.02 -18.50
N CYS A 374 3.42 -15.70 -18.40
CA CYS A 374 3.05 -14.85 -19.52
C CYS A 374 3.73 -13.52 -19.30
N HIS A 375 4.62 -13.14 -20.21
CA HIS A 375 5.39 -11.92 -20.07
C HIS A 375 4.66 -10.76 -20.73
N MET A 376 4.78 -9.57 -20.13
CA MET A 376 4.11 -8.40 -20.69
C MET A 376 4.78 -7.88 -21.95
N GLU A 377 6.06 -8.22 -22.18
CA GLU A 377 6.84 -7.58 -23.22
C GLU A 377 7.29 -8.51 -24.35
N ARG A 378 7.08 -9.81 -24.24
CA ARG A 378 7.60 -10.74 -25.22
C ARG A 378 6.92 -12.09 -25.06
N THR A 379 7.01 -12.90 -26.11
CA THR A 379 6.55 -14.28 -26.04
C THR A 379 7.60 -15.11 -25.32
N LEU A 380 7.16 -15.85 -24.30
CA LEU A 380 8.06 -16.78 -23.62
C LEU A 380 8.13 -18.08 -24.42
N SER A 381 9.35 -18.60 -24.55
CA SER A 381 9.50 -19.87 -25.24
C SER A 381 9.11 -21.01 -24.32
N GLN A 382 8.68 -22.13 -24.91
CA GLN A 382 8.37 -23.30 -24.11
C GLN A 382 9.61 -23.77 -23.34
N ARG A 383 10.79 -23.65 -23.96
CA ARG A 383 12.00 -24.13 -23.31
C ARG A 383 12.34 -23.31 -22.08
N GLU A 384 12.28 -21.99 -22.18
CA GLU A 384 12.65 -21.18 -21.03
C GLU A 384 11.64 -21.30 -19.90
N VAL A 385 10.35 -21.45 -20.23
CA VAL A 385 9.37 -21.74 -19.19
C VAL A 385 9.66 -23.06 -18.51
N ARG A 386 10.05 -24.07 -19.30
CA ARG A 386 10.38 -25.37 -18.70
C ARG A 386 11.52 -25.23 -17.70
N HIS A 387 12.53 -24.44 -18.06
CA HIS A 387 13.70 -24.29 -17.20
C HIS A 387 13.39 -23.50 -15.95
N ILE A 388 12.55 -22.46 -16.07
CA ILE A 388 12.11 -21.72 -14.89
C ILE A 388 11.24 -22.58 -13.99
N HIS A 389 10.32 -23.35 -14.58
CA HIS A 389 9.43 -24.18 -13.77
C HIS A 389 10.19 -25.29 -13.08
N GLN A 390 11.15 -25.92 -13.77
CA GLN A 390 12.00 -26.91 -13.13
C GLN A 390 12.78 -26.29 -11.97
N ALA A 391 13.33 -25.10 -12.17
CA ALA A 391 14.03 -24.42 -11.08
C ALA A 391 13.10 -24.18 -9.90
N LEU A 392 11.84 -23.85 -10.18
CA LEU A 392 10.88 -23.63 -9.11
C LEU A 392 10.60 -24.92 -8.34
N GLN A 393 10.38 -26.02 -9.05
CA GLN A 393 10.17 -27.30 -8.38
C GLN A 393 11.32 -27.62 -7.45
N GLU A 394 12.56 -27.45 -7.94
CA GLU A 394 13.72 -27.81 -7.14
C GLU A 394 13.90 -26.87 -5.95
N ALA A 395 13.62 -25.59 -6.14
CA ALA A 395 13.78 -24.64 -5.05
C ALA A 395 12.73 -24.83 -3.96
N ALA A 396 11.54 -25.28 -4.35
CA ALA A 396 10.50 -25.50 -3.34
C ALA A 396 10.89 -26.63 -2.40
N VAL A 397 11.48 -27.70 -2.94
CA VAL A 397 11.95 -28.79 -2.09
C VAL A 397 13.10 -28.32 -1.22
N GLN A 398 14.08 -27.65 -1.82
CA GLN A 398 15.28 -27.25 -1.07
C GLN A 398 14.97 -26.22 0.00
N LEU A 399 14.16 -25.21 -0.33
CA LEU A 399 14.00 -24.05 0.54
C LEU A 399 12.75 -24.10 1.41
N LEU A 400 11.65 -24.64 0.88
CA LEU A 400 10.41 -24.68 1.61
C LEU A 400 10.17 -26.02 2.32
N GLY A 401 11.02 -27.02 2.06
CA GLY A 401 10.85 -28.31 2.70
C GLY A 401 9.67 -29.12 2.20
N VAL A 402 9.16 -28.81 1.00
CA VAL A 402 8.04 -29.58 0.47
C VAL A 402 8.54 -30.90 -0.10
N GLU A 403 7.62 -31.81 -0.36
CA GLU A 403 7.90 -33.09 -1.01
C GLU A 403 7.10 -33.10 -2.30
N GLY A 404 7.80 -33.12 -3.43
CA GLY A 404 7.14 -32.92 -4.71
C GLY A 404 6.21 -34.05 -5.08
N ARG A 405 5.08 -33.70 -5.70
CA ARG A 405 4.17 -34.66 -6.31
C ARG A 405 4.26 -34.61 -7.83
N PHE A 406 4.01 -33.45 -8.43
CA PHE A 406 4.23 -33.27 -9.86
C PHE A 406 4.50 -31.81 -10.21
N PHE B . -2.67 3.01 6.09
CA PHE B . -3.97 2.55 5.56
C PHE B . -3.74 1.42 4.57
O PHE B . -4.70 0.76 4.16
CB PHE B . -4.68 3.70 4.84
CG PHE B . -5.06 4.85 5.75
CD1 PHE B . -6.27 4.85 6.42
CD2 PHE B . -4.21 5.96 5.92
CE1 PHE B . -6.63 5.91 7.24
CE2 PHE B . -4.57 7.02 6.74
CZ PHE B . -5.80 6.99 7.40
OXT PHE B . -2.59 1.17 4.19
#